data_6A8G
#
_entry.id   6A8G
#
_cell.length_a   114.010
_cell.length_b   114.010
_cell.length_c   103.340
_cell.angle_alpha   90.000
_cell.angle_beta   90.000
_cell.angle_gamma   120.000
#
_symmetry.space_group_name_H-M   'P 31 2 1'
#
loop_
_entity.id
_entity.type
_entity.pdbx_description
1 polymer muPAin-1-IG
2 polymer 'Urokinase-type plasminogen activator chain B'
3 non-polymer 'PHOSPHATE ION'
4 water water
#
loop_
_entity_poly.entity_id
_entity_poly.type
_entity_poly.pdbx_seq_one_letter_code
_entity_poly.pdbx_strand_id
1 'polypeptide(L)' (ACE)CPAYSRYIGC(NH2) P,E
2 'polypeptide(L)'
;IVGGEFTEVENQPWFAAIYQKNKGGSPPSFKCGGSLISPCWVASAAHCFIQLPKKENYVVYLGQSKESSYNPGEMKFEVE
QLILHEYYREDSLAYHNDIALLKIRTSTGQCAQPSRSIQTIALPPRFTDAPFGSDCEITGFGKESESDYLYPKNLKMSVV
KLVSHEQCMQPHYYGSEINYKMLCAADPEWKTDSCKGDSGGPLICNIEGRPTLSGIVSWGRGCAEKNKPGVYTRVSHFLD
WIQSHIG
;
A,B
#
loop_
_chem_comp.id
_chem_comp.type
_chem_comp.name
_chem_comp.formula
ACE non-polymer 'ACETYL GROUP' 'C2 H4 O'
NH2 non-polymer 'AMINO GROUP' 'H2 N'
PO4 non-polymer 'PHOSPHATE ION' 'O4 P -3'
#
# COMPACT_ATOMS: atom_id res chain seq x y z
C ACE A 1 8.89 21.65 4.39
O ACE A 1 8.19 21.45 3.40
CH3 ACE A 1 8.31 21.67 5.79
N CYS A 2 10.22 21.83 4.31
CA CYS A 2 10.93 21.87 3.03
C CYS A 2 12.22 21.05 2.94
N PRO A 3 12.17 19.96 2.20
CA PRO A 3 13.38 19.16 1.97
C PRO A 3 14.18 19.44 0.70
N ALA A 4 14.94 20.53 0.63
CA ALA A 4 16.05 20.67 -0.31
C ALA A 4 15.76 20.39 -1.80
N TYR A 5 15.20 19.22 -2.15
CA TYR A 5 14.80 18.93 -3.53
C TYR A 5 13.31 19.18 -3.76
N SER A 6 12.69 20.06 -2.98
CA SER A 6 11.28 20.35 -3.13
C SER A 6 11.04 21.12 -4.43
N ARG A 7 9.85 20.93 -5.02
CA ARG A 7 9.40 21.75 -6.13
C ARG A 7 8.16 22.55 -5.77
N TYR A 8 7.94 22.75 -4.46
CA TYR A 8 6.78 23.45 -3.91
C TYR A 8 7.00 24.95 -3.94
N ILE A 9 5.96 25.69 -4.33
CA ILE A 9 6.02 27.15 -4.38
C ILE A 9 6.27 27.74 -2.99
N GLY A 10 5.81 27.06 -1.93
CA GLY A 10 6.02 27.53 -0.58
C GLY A 10 7.34 27.14 0.06
N CYS A 11 8.30 26.65 -0.72
CA CYS A 11 9.68 26.40 -0.29
C CYS A 11 10.64 27.22 -1.13
N NH2 A 12 11.93 26.93 -1.02
N ILE B 1 6.57 24.47 -16.02
CA ILE B 1 7.12 23.46 -16.90
C ILE B 1 8.32 24.01 -17.67
N VAL B 2 9.44 23.31 -17.66
CA VAL B 2 10.61 23.72 -18.42
C VAL B 2 10.50 23.10 -19.79
N GLY B 3 10.69 23.93 -20.83
CA GLY B 3 10.48 23.39 -22.16
C GLY B 3 8.99 23.20 -22.42
N GLY B 4 8.71 22.25 -23.32
CA GLY B 4 7.32 22.10 -23.75
C GLY B 4 6.74 23.38 -24.35
N GLU B 5 5.40 23.45 -24.35
CA GLU B 5 4.67 24.53 -24.99
C GLU B 5 3.55 25.00 -24.09
N PHE B 6 3.08 26.22 -24.37
CA PHE B 6 1.88 26.75 -23.76
C PHE B 6 0.64 26.12 -24.38
N THR B 7 -0.40 25.93 -23.56
CA THR B 7 -1.56 25.21 -24.04
C THR B 7 -2.79 25.63 -23.23
N GLU B 8 -3.93 25.09 -23.63
CA GLU B 8 -5.23 25.38 -23.04
C GLU B 8 -5.71 24.15 -22.28
N VAL B 9 -6.52 24.37 -21.22
CA VAL B 9 -7.04 23.26 -20.40
C VAL B 9 -7.67 22.17 -21.24
N GLU B 10 -8.20 22.53 -22.41
CA GLU B 10 -8.85 21.51 -23.23
C GLU B 10 -7.92 20.33 -23.51
N ASN B 11 -6.60 20.55 -23.49
CA ASN B 11 -5.63 19.46 -23.67
C ASN B 11 -5.20 18.77 -22.38
N GLN B 12 -5.60 19.29 -21.20
CA GLN B 12 -5.38 18.67 -19.90
C GLN B 12 -6.60 18.94 -19.03
N PRO B 13 -7.78 18.47 -19.44
CA PRO B 13 -9.02 18.97 -18.84
C PRO B 13 -9.31 18.41 -17.45
N TRP B 14 -8.48 17.50 -16.96
CA TRP B 14 -8.44 17.09 -15.58
C TRP B 14 -7.60 18.01 -14.70
N PHE B 15 -6.82 18.93 -15.27
CA PHE B 15 -5.98 19.77 -14.44
C PHE B 15 -6.80 20.56 -13.42
N ALA B 16 -6.35 20.53 -12.18
CA ALA B 16 -6.98 21.28 -11.10
C ALA B 16 -5.98 22.28 -10.54
N ALA B 17 -6.44 23.51 -10.30
CA ALA B 17 -5.58 24.58 -9.81
C ALA B 17 -5.97 24.89 -8.37
N ILE B 18 -5.09 24.58 -7.42
CA ILE B 18 -5.36 24.70 -5.99
C ILE B 18 -4.68 25.96 -5.47
N TYR B 19 -5.50 26.87 -4.91
CA TYR B 19 -5.07 28.15 -4.37
C TYR B 19 -5.33 28.21 -2.87
N GLN B 20 -4.62 29.11 -2.18
CA GLN B 20 -4.78 29.31 -0.74
C GLN B 20 -5.36 30.69 -0.45
N LYS B 21 -6.36 30.76 0.45
CA LYS B 21 -7.05 32.01 0.71
C LYS B 21 -6.17 33.00 1.48
N ASN B 22 -6.60 34.27 1.49
CA ASN B 22 -5.79 35.37 1.99
C ASN B 22 -6.66 36.38 2.73
N LYS B 23 -6.03 37.12 3.63
CA LYS B 23 -6.74 38.10 4.43
C LYS B 23 -6.85 39.46 3.77
N SER B 26 -9.36 40.24 -1.32
CA SER B 26 -8.03 39.79 -0.90
C SER B 26 -7.65 38.46 -1.60
N PRO B 27 -7.19 38.55 -2.85
CA PRO B 27 -7.35 37.40 -3.76
C PRO B 27 -6.44 36.25 -3.40
N PRO B 28 -6.81 35.03 -3.75
CA PRO B 28 -6.06 33.85 -3.31
C PRO B 28 -4.78 33.62 -4.12
N SER B 29 -3.84 32.92 -3.50
CA SER B 29 -2.51 32.71 -4.05
C SER B 29 -2.43 31.32 -4.66
N PHE B 30 -2.04 31.25 -5.92
CA PHE B 30 -1.86 29.94 -6.51
C PHE B 30 -0.79 29.19 -5.74
N LYS B 31 -1.06 27.92 -5.45
CA LYS B 31 -0.14 27.16 -4.61
C LYS B 31 0.35 25.89 -5.25
N CYS B 32 -0.51 25.09 -5.89
CA CYS B 32 0.02 23.94 -6.61
C CYS B 32 -1.09 23.28 -7.43
N GLY B 33 -0.72 22.21 -8.15
CA GLY B 33 -1.61 21.57 -9.08
C GLY B 33 -2.32 20.35 -8.50
N GLY B 34 -3.18 19.76 -9.32
CA GLY B 34 -3.87 18.53 -8.95
C GLY B 34 -4.62 17.99 -10.15
N SER B 35 -5.30 16.86 -9.95
CA SER B 35 -6.01 16.15 -11.01
C SER B 35 -7.37 15.66 -10.53
N LEU B 36 -8.39 15.87 -11.37
CA LEU B 36 -9.75 15.40 -11.10
C LEU B 36 -9.82 13.91 -11.38
N ILE B 37 -9.77 13.08 -10.34
CA ILE B 37 -9.82 11.62 -10.48
C ILE B 37 -11.24 11.07 -10.39
N SER B 38 -12.21 11.88 -9.98
CA SER B 38 -13.64 11.58 -10.03
C SER B 38 -14.39 12.90 -9.89
N PRO B 39 -15.72 12.91 -10.07
CA PRO B 39 -16.42 14.21 -10.08
C PRO B 39 -16.33 15.00 -8.79
N CYS B 40 -16.18 14.34 -7.63
CA CYS B 40 -16.11 15.05 -6.34
C CYS B 40 -14.72 15.07 -5.73
N TRP B 41 -13.71 14.50 -6.40
CA TRP B 41 -12.44 14.24 -5.74
C TRP B 41 -11.25 14.67 -6.62
N VAL B 42 -10.39 15.53 -6.07
CA VAL B 42 -9.14 15.92 -6.69
C VAL B 42 -7.97 15.28 -5.94
N ALA B 43 -7.01 14.75 -6.70
CA ALA B 43 -5.79 14.20 -6.13
C ALA B 43 -4.64 15.17 -6.32
N SER B 44 -3.75 15.24 -5.33
CA SER B 44 -2.67 16.21 -5.33
C SER B 44 -1.59 15.71 -4.40
N ALA B 45 -0.68 16.59 -4.00
CA ALA B 45 0.43 16.22 -3.14
C ALA B 45 0.19 16.72 -1.71
N ALA B 46 0.54 15.89 -0.72
CA ALA B 46 0.34 16.25 0.68
C ALA B 46 1.21 17.44 1.09
N HIS B 47 2.44 17.51 0.58
CA HIS B 47 3.33 18.61 0.94
C HIS B 47 2.70 19.97 0.66
N CYS B 48 1.73 20.03 -0.23
CA CYS B 48 1.01 21.26 -0.54
C CYS B 48 0.16 21.75 0.61
N PHE B 49 -0.10 20.93 1.62
CA PHE B 49 -1.07 21.31 2.64
C PHE B 49 -0.49 21.33 4.04
N ILE B 50 0.79 21.01 4.22
CA ILE B 50 1.35 20.83 5.55
C ILE B 50 1.41 22.16 6.31
N GLN B 51 2.03 23.18 5.72
CA GLN B 51 2.23 24.45 6.40
C GLN B 51 0.93 25.08 6.87
N LEU B 52 -0.22 24.55 6.46
CA LEU B 52 -1.52 25.00 6.92
C LEU B 52 -2.57 23.96 6.58
N PRO B 53 -2.76 22.91 7.41
CA PRO B 53 -3.60 21.76 7.00
C PRO B 53 -5.07 21.89 7.41
N LYS B 54 -5.72 22.96 6.94
CA LYS B 54 -7.11 23.23 7.29
C LYS B 54 -7.91 23.43 6.01
N LYS B 55 -8.97 22.62 5.84
CA LYS B 55 -9.62 22.54 4.54
C LYS B 55 -10.26 23.85 4.12
N GLU B 56 -10.55 24.73 5.07
CA GLU B 56 -11.26 25.99 4.81
C GLU B 56 -10.36 27.04 4.19
N ASN B 57 -9.05 26.79 4.14
CA ASN B 57 -8.08 27.75 3.65
C ASN B 57 -7.75 27.59 2.16
N TYR B 58 -8.43 26.69 1.47
CA TYR B 58 -8.05 26.35 0.11
C TYR B 58 -9.26 26.46 -0.82
N VAL B 59 -8.98 26.77 -2.07
CA VAL B 59 -10.02 26.88 -3.10
C VAL B 59 -9.50 26.22 -4.37
N VAL B 60 -10.35 25.43 -5.01
CA VAL B 60 -9.94 24.64 -6.16
C VAL B 60 -10.74 25.09 -7.38
N TYR B 61 -10.02 25.51 -8.43
CA TYR B 61 -10.56 25.83 -9.76
C TYR B 61 -10.28 24.69 -10.74
N LEU B 62 -11.34 24.24 -11.41
CA LEU B 62 -11.21 23.38 -12.59
C LEU B 62 -11.52 24.20 -13.84
N GLY B 63 -10.82 23.88 -14.92
CA GLY B 63 -11.05 24.49 -16.22
C GLY B 63 -10.30 25.78 -16.53
N GLN B 64 -9.09 25.96 -15.96
CA GLN B 64 -8.32 27.21 -16.05
C GLN B 64 -7.12 27.05 -16.98
N SER B 65 -7.01 27.92 -17.98
CA SER B 65 -5.77 28.00 -18.74
C SER B 65 -4.85 29.09 -18.25
N LYS B 66 -5.38 30.05 -17.49
CA LYS B 66 -4.64 31.24 -17.08
C LYS B 66 -4.79 31.37 -15.57
N GLU B 67 -3.68 31.24 -14.85
CA GLU B 67 -3.71 31.26 -13.39
C GLU B 67 -4.07 32.64 -12.84
N SER B 68 -4.95 32.66 -11.84
CA SER B 68 -5.33 33.85 -11.09
C SER B 68 -6.15 34.84 -11.91
N SER B 69 -6.81 34.40 -12.97
CA SER B 69 -7.83 35.24 -13.57
C SER B 69 -8.97 34.35 -13.99
N TYR B 70 -10.10 34.97 -14.31
CA TYR B 70 -11.28 34.23 -14.74
C TYR B 70 -11.07 33.59 -16.10
N ASN B 71 -11.57 32.37 -16.26
CA ASN B 71 -11.50 31.62 -17.52
C ASN B 71 -12.91 31.20 -17.88
N PRO B 72 -13.34 31.33 -19.13
CA PRO B 72 -14.68 30.85 -19.51
C PRO B 72 -14.80 29.37 -19.23
N GLY B 73 -15.94 28.99 -18.65
CA GLY B 73 -16.12 27.60 -18.28
C GLY B 73 -15.43 27.16 -17.00
N GLU B 74 -14.69 28.04 -16.33
CA GLU B 74 -14.18 27.81 -14.97
C GLU B 74 -15.28 27.31 -14.03
N MET B 75 -14.89 26.46 -13.08
CA MET B 75 -15.73 26.13 -11.94
C MET B 75 -14.91 26.27 -10.67
N LYS B 76 -15.46 26.96 -9.68
CA LYS B 76 -14.82 27.23 -8.41
C LYS B 76 -15.41 26.34 -7.31
N PHE B 77 -14.55 25.64 -6.56
CA PHE B 77 -15.02 24.73 -5.50
C PHE B 77 -14.37 25.05 -4.15
N GLU B 78 -15.16 24.91 -3.09
CA GLU B 78 -14.61 24.82 -1.74
C GLU B 78 -14.17 23.39 -1.46
N VAL B 79 -13.21 23.23 -0.55
CA VAL B 79 -12.75 21.92 -0.14
C VAL B 79 -13.64 21.44 1.02
N GLU B 80 -14.49 20.44 0.74
CA GLU B 80 -15.37 19.84 1.74
C GLU B 80 -14.60 18.96 2.73
N GLN B 81 -13.54 18.31 2.26
CA GLN B 81 -12.79 17.35 3.06
C GLN B 81 -11.35 17.26 2.51
N LEU B 82 -10.37 17.31 3.43
CA LEU B 82 -8.96 17.28 3.08
C LEU B 82 -8.28 16.11 3.76
N ILE B 83 -7.77 15.18 2.97
CA ILE B 83 -7.22 13.92 3.46
C ILE B 83 -5.76 13.85 3.04
N LEU B 84 -4.85 13.78 4.02
CA LEU B 84 -3.42 13.61 3.71
C LEU B 84 -3.02 12.19 4.05
N HIS B 85 -2.08 11.63 3.29
CA HIS B 85 -1.72 10.24 3.61
C HIS B 85 -1.16 10.12 5.02
N GLU B 86 -1.58 9.08 5.75
CA GLU B 86 -1.21 8.95 7.16
C GLU B 86 0.30 8.84 7.35
N TYR B 87 1.04 8.32 6.36
CA TYR B 87 2.49 8.18 6.49
C TYR B 87 3.27 9.25 5.71
N TYR B 88 2.63 10.38 5.37
CA TYR B 88 3.36 11.49 4.80
C TYR B 88 4.56 11.82 5.69
N ARG B 89 5.65 12.28 5.07
CA ARG B 89 6.90 12.48 5.80
C ARG B 89 7.92 13.20 4.92
N GLU B 90 8.64 14.15 5.52
CA GLU B 90 9.74 14.87 4.88
C GLU B 90 11.05 14.43 5.50
N ASP B 91 12.10 14.27 4.68
CA ASP B 91 13.31 13.65 5.19
C ASP B 91 14.60 14.40 4.82
N SER B 92 14.51 15.69 4.53
CA SER B 92 15.65 16.60 4.34
C SER B 92 16.09 16.72 2.88
N LEU B 93 15.89 15.66 2.07
CA LEU B 93 16.01 15.77 0.62
C LEU B 93 14.68 15.70 -0.12
N ALA B 94 13.72 14.93 0.36
CA ALA B 94 12.60 14.52 -0.46
C ALA B 94 11.34 14.37 0.39
N TYR B 95 10.25 14.02 -0.27
CA TYR B 95 9.00 13.67 0.40
C TYR B 95 8.75 12.19 0.27
N HIS B 96 7.93 11.67 1.18
CA HIS B 96 7.47 10.29 1.16
C HIS B 96 5.96 10.28 1.28
N ASN B 97 5.32 9.28 0.65
CA ASN B 97 3.87 9.13 0.67
C ASN B 97 3.17 10.46 0.42
N ASP B 98 3.59 11.11 -0.65
CA ASP B 98 3.25 12.50 -0.94
C ASP B 98 2.00 12.47 -1.82
N ILE B 99 0.85 12.38 -1.17
CA ILE B 99 -0.42 12.28 -1.89
C ILE B 99 -1.54 12.75 -0.97
N ALA B 100 -2.53 13.43 -1.55
CA ALA B 100 -3.63 14.05 -0.83
C ALA B 100 -4.91 13.89 -1.63
N LEU B 101 -6.03 13.82 -0.92
CA LEU B 101 -7.33 13.72 -1.57
C LEU B 101 -8.20 14.88 -1.12
N LEU B 102 -8.83 15.57 -2.07
CA LEU B 102 -9.70 16.69 -1.76
C LEU B 102 -11.11 16.41 -2.28
N LYS B 103 -12.10 16.51 -1.41
CA LYS B 103 -13.48 16.44 -1.84
C LYS B 103 -13.92 17.87 -2.12
N ILE B 104 -14.42 18.10 -3.33
CA ILE B 104 -14.71 19.47 -3.77
C ILE B 104 -16.21 19.65 -3.86
N ARG B 105 -16.65 20.90 -3.70
CA ARG B 105 -18.07 21.19 -3.78
C ARG B 105 -18.27 22.67 -4.07
N THR B 106 -19.35 22.98 -4.77
CA THR B 106 -19.61 24.35 -5.18
C THR B 106 -20.40 25.10 -4.12
N SER B 107 -20.49 26.42 -4.30
CA SER B 107 -21.30 27.30 -3.46
C SER B 107 -22.73 26.83 -3.38
N THR B 108 -23.18 26.08 -4.37
CA THR B 108 -24.56 25.61 -4.46
C THR B 108 -24.68 24.09 -4.31
N GLY B 109 -23.60 23.40 -3.95
CA GLY B 109 -23.68 22.01 -3.58
C GLY B 109 -23.16 21.02 -4.61
N GLN B 110 -22.84 21.44 -5.82
CA GLN B 110 -22.61 20.47 -6.87
C GLN B 110 -21.16 20.01 -6.92
N CYS B 111 -20.96 18.82 -7.48
CA CYS B 111 -19.64 18.33 -7.86
C CYS B 111 -19.34 18.80 -9.27
N ALA B 112 -18.26 18.28 -9.87
CA ALA B 112 -17.73 18.84 -11.11
C ALA B 112 -18.66 18.54 -12.29
N GLN B 113 -18.97 19.57 -13.08
CA GLN B 113 -19.84 19.40 -14.23
C GLN B 113 -19.02 19.22 -15.51
N PRO B 114 -19.06 18.04 -16.14
CA PRO B 114 -18.21 17.79 -17.32
C PRO B 114 -18.42 18.78 -18.47
N SER B 115 -17.35 18.96 -19.23
CA SER B 115 -17.24 19.94 -20.31
C SER B 115 -15.97 19.60 -21.09
N ARG B 116 -15.73 20.34 -22.18
CA ARG B 116 -14.50 20.12 -22.93
C ARG B 116 -13.28 20.57 -22.13
N SER B 117 -13.48 21.39 -21.10
CA SER B 117 -12.40 21.89 -20.29
C SER B 117 -12.42 21.33 -18.87
N ILE B 118 -13.34 20.43 -18.55
CA ILE B 118 -13.40 19.78 -17.24
C ILE B 118 -13.77 18.32 -17.46
N GLN B 119 -12.81 17.42 -17.26
CA GLN B 119 -13.01 15.98 -17.39
C GLN B 119 -12.24 15.28 -16.27
N THR B 120 -12.60 14.04 -16.01
CA THR B 120 -11.81 13.25 -15.09
C THR B 120 -10.72 12.50 -15.85
N ILE B 121 -9.68 12.10 -15.11
CA ILE B 121 -8.61 11.26 -15.63
C ILE B 121 -8.66 9.91 -14.93
N ALA B 122 -8.37 8.85 -15.68
CA ALA B 122 -8.44 7.49 -15.16
C ALA B 122 -7.28 7.20 -14.21
N LEU B 123 -7.56 6.36 -13.21
CA LEU B 123 -6.49 5.85 -12.37
C LEU B 123 -5.88 4.64 -13.03
N PRO B 124 -4.63 4.29 -12.71
CA PRO B 124 -4.02 3.14 -13.36
C PRO B 124 -4.67 1.85 -12.90
N PRO B 125 -4.71 0.83 -13.75
CA PRO B 125 -5.34 -0.44 -13.36
C PRO B 125 -4.50 -1.13 -12.29
N ARG B 126 -5.11 -2.13 -11.62
CA ARG B 126 -4.31 -2.92 -10.68
C ARG B 126 -3.09 -3.50 -11.40
N PHE B 127 -3.25 -3.85 -12.67
CA PHE B 127 -2.25 -4.77 -13.19
C PHE B 127 -1.81 -4.57 -14.66
N THR B 128 -2.72 -4.78 -15.60
CA THR B 128 -2.53 -4.77 -17.07
C THR B 128 -1.38 -5.60 -17.64
N ASP B 129 -1.73 -6.54 -18.52
CA ASP B 129 -0.83 -7.04 -19.56
C ASP B 129 -0.89 -6.11 -20.77
N ALA B 130 0.01 -6.38 -21.73
CA ALA B 130 0.21 -5.60 -22.96
C ALA B 130 0.87 -4.26 -22.65
N PRO B 131 2.05 -4.03 -23.20
CA PRO B 131 2.84 -2.86 -22.83
C PRO B 131 2.28 -1.56 -23.37
N PHE B 132 2.89 -0.50 -22.86
CA PHE B 132 2.55 0.87 -23.22
C PHE B 132 3.86 1.64 -23.27
N GLY B 133 3.78 2.87 -23.78
CA GLY B 133 4.97 3.67 -23.91
C GLY B 133 5.35 4.36 -22.61
N SER B 134 6.66 4.54 -22.44
CA SER B 134 7.20 5.22 -21.27
C SER B 134 7.19 6.73 -21.40
N ASP B 135 6.64 7.28 -22.50
CA ASP B 135 6.48 8.73 -22.67
C ASP B 135 5.17 9.18 -22.05
N CYS B 136 5.26 10.16 -21.15
CA CYS B 136 4.11 10.61 -20.37
C CYS B 136 4.08 12.13 -20.36
N GLU B 137 2.90 12.68 -20.18
CA GLU B 137 2.71 14.12 -20.20
C GLU B 137 2.78 14.73 -18.80
N ILE B 138 3.33 15.95 -18.73
CA ILE B 138 3.26 16.80 -17.54
C ILE B 138 2.64 18.14 -17.92
N THR B 139 2.04 18.80 -16.93
CA THR B 139 1.35 20.07 -17.12
C THR B 139 1.36 20.86 -15.82
N GLY B 140 1.33 22.18 -15.93
CA GLY B 140 1.21 23.04 -14.76
C GLY B 140 1.63 24.47 -15.04
N PHE B 141 1.53 25.29 -13.98
CA PHE B 141 1.92 26.69 -14.01
C PHE B 141 3.29 26.94 -13.40
N GLY B 142 4.08 25.88 -13.19
CA GLY B 142 5.42 26.01 -12.64
C GLY B 142 6.35 26.91 -13.45
N LYS B 143 7.51 27.18 -12.86
CA LYS B 143 8.53 27.99 -13.52
C LYS B 143 8.99 27.32 -14.83
N GLU B 144 9.54 28.13 -15.72
CA GLU B 144 10.00 27.64 -17.01
C GLU B 144 11.48 27.32 -17.02
N SER B 145 12.20 27.64 -15.95
CA SER B 145 13.61 27.32 -15.78
C SER B 145 13.91 27.36 -14.28
N GLU B 146 14.89 26.56 -13.84
CA GLU B 146 15.11 26.43 -12.40
C GLU B 146 15.58 27.74 -11.77
N SER B 147 16.22 28.61 -12.55
CA SER B 147 16.77 29.83 -12.01
C SER B 147 15.95 31.07 -12.34
N ASP B 148 14.71 30.89 -12.81
CA ASP B 148 13.79 32.00 -12.90
C ASP B 148 13.36 32.48 -11.54
N TYR B 149 13.43 33.78 -11.30
CA TYR B 149 12.36 34.42 -10.55
C TYR B 149 11.21 34.53 -11.53
N LEU B 150 10.00 34.59 -11.00
CA LEU B 150 8.79 34.79 -11.83
C LEU B 150 8.27 33.53 -12.51
N TYR B 151 6.95 33.49 -12.64
CA TYR B 151 6.20 32.33 -13.06
C TYR B 151 5.40 32.69 -14.30
N PRO B 152 5.02 31.70 -15.12
CA PRO B 152 4.50 32.00 -16.47
C PRO B 152 3.08 32.54 -16.54
N LYS B 153 2.22 32.30 -15.55
CA LYS B 153 0.81 32.71 -15.57
C LYS B 153 -0.12 31.97 -16.53
N ASN B 154 0.40 31.33 -17.58
CA ASN B 154 -0.41 30.55 -18.51
C ASN B 154 0.02 29.08 -18.48
N LEU B 155 -0.95 28.17 -18.63
CA LEU B 155 -0.65 26.75 -18.57
C LEU B 155 0.36 26.32 -19.63
N LYS B 156 1.25 25.41 -19.25
CA LYS B 156 2.18 24.73 -20.15
C LYS B 156 2.06 23.21 -20.00
N MET B 157 2.58 22.50 -20.99
CA MET B 157 2.51 21.04 -21.05
C MET B 157 3.77 20.54 -21.77
N SER B 158 4.20 19.32 -21.44
CA SER B 158 5.37 18.74 -22.12
C SER B 158 5.35 17.22 -21.96
N VAL B 159 6.40 16.57 -22.44
CA VAL B 159 6.46 15.12 -22.56
C VAL B 159 7.78 14.66 -21.97
N VAL B 160 7.73 13.68 -21.07
CA VAL B 160 8.95 13.15 -20.50
C VAL B 160 8.85 11.64 -20.60
N LYS B 161 10.01 10.99 -20.50
CA LYS B 161 10.10 9.54 -20.54
C LYS B 161 10.25 8.97 -19.13
N LEU B 162 9.61 7.84 -18.86
CA LEU B 162 9.80 7.19 -17.57
C LEU B 162 11.24 6.67 -17.44
N VAL B 163 11.76 6.69 -16.21
CA VAL B 163 13.11 6.22 -15.89
C VAL B 163 12.99 5.08 -14.89
N SER B 164 13.60 3.94 -15.21
CA SER B 164 13.53 2.76 -14.35
C SER B 164 14.03 3.06 -12.93
N HIS B 165 13.42 2.40 -11.94
CA HIS B 165 13.87 2.50 -10.55
C HIS B 165 15.35 2.23 -10.41
N GLU B 166 15.79 1.16 -11.05
CA GLU B 166 17.19 0.78 -11.01
C GLU B 166 18.07 1.90 -11.49
N GLN B 167 17.73 2.48 -12.64
CA GLN B 167 18.52 3.62 -13.08
C GLN B 167 18.39 4.79 -12.11
N CYS B 168 17.19 5.09 -11.64
CA CYS B 168 17.02 6.22 -10.73
C CYS B 168 17.78 6.06 -9.43
N MET B 169 18.05 4.82 -9.01
CA MET B 169 18.73 4.54 -7.75
C MET B 169 20.25 4.55 -7.85
N GLN B 170 20.81 4.55 -9.06
CA GLN B 170 22.25 4.65 -9.21
C GLN B 170 22.76 5.85 -8.41
N PRO B 171 23.94 5.76 -7.79
CA PRO B 171 24.42 6.89 -7.00
C PRO B 171 24.48 8.21 -7.75
N HIS B 172 24.86 8.18 -9.03
CA HIS B 172 24.93 9.41 -9.82
C HIS B 172 23.56 10.08 -9.93
N TYR B 173 22.49 9.29 -9.81
CA TYR B 173 21.14 9.84 -9.83
C TYR B 173 20.69 10.25 -8.43
N TYR B 174 19.82 9.48 -7.78
CA TYR B 174 19.32 9.83 -6.45
C TYR B 174 19.65 8.77 -5.40
N GLY B 175 20.47 7.79 -5.72
CA GLY B 175 20.79 6.78 -4.74
C GLY B 175 19.57 6.22 -4.04
N SER B 176 19.76 5.83 -2.77
CA SER B 176 18.77 5.15 -1.97
C SER B 176 17.61 6.03 -1.51
N GLU B 177 17.56 7.30 -1.90
CA GLU B 177 16.36 8.10 -1.63
C GLU B 177 15.14 7.61 -2.39
N ILE B 178 15.32 6.88 -3.50
CA ILE B 178 14.21 6.43 -4.36
C ILE B 178 13.77 5.04 -3.90
N ASN B 179 12.47 4.86 -3.70
CA ASN B 179 11.97 3.53 -3.34
C ASN B 179 10.82 3.16 -4.26
N TYR B 180 10.22 1.99 -4.01
CA TYR B 180 9.23 1.38 -4.90
C TYR B 180 7.91 2.15 -4.97
N LYS B 181 7.69 3.11 -4.07
CA LYS B 181 6.49 3.94 -4.06
C LYS B 181 6.67 5.21 -4.89
N MET B 182 7.80 5.37 -5.55
CA MET B 182 8.07 6.55 -6.34
C MET B 182 8.19 6.17 -7.81
N LEU B 183 8.03 7.16 -8.65
CA LEU B 183 8.16 7.02 -10.09
C LEU B 183 9.10 8.12 -10.55
N CYS B 184 10.12 7.78 -11.34
CA CYS B 184 11.01 8.78 -11.91
C CYS B 184 10.68 9.02 -13.39
N ALA B 185 10.74 10.27 -13.81
CA ALA B 185 10.56 10.60 -15.23
C ALA B 185 11.45 11.76 -15.62
N ALA B 186 12.15 11.62 -16.74
CA ALA B 186 12.94 12.73 -17.28
C ALA B 186 12.94 12.71 -18.81
N ASP B 187 13.56 13.72 -19.35
CA ASP B 187 13.86 13.84 -20.75
C ASP B 187 15.23 13.26 -21.07
N PRO B 188 15.33 12.40 -22.10
CA PRO B 188 16.63 11.76 -22.40
C PRO B 188 17.72 12.74 -22.76
N GLU B 189 17.39 13.94 -23.24
CA GLU B 189 18.40 14.96 -23.47
C GLU B 189 18.36 16.06 -22.44
N TRP B 190 17.61 15.86 -21.33
CA TRP B 190 17.60 16.74 -20.15
C TRP B 190 17.16 18.16 -20.48
N LYS B 191 16.11 18.28 -21.28
CA LYS B 191 15.70 19.60 -21.69
C LYS B 191 14.26 19.93 -21.34
N THR B 192 13.49 18.97 -20.86
CA THR B 192 12.14 19.31 -20.44
C THR B 192 11.83 18.53 -19.16
N ASP B 193 11.10 19.18 -18.25
CA ASP B 193 10.91 18.70 -16.88
C ASP B 193 9.81 19.51 -16.22
N SER B 194 9.28 18.98 -15.11
CA SER B 194 8.45 19.80 -14.22
C SER B 194 9.36 20.65 -13.32
N CYS B 195 8.80 21.72 -12.77
CA CYS B 195 9.59 22.67 -12.00
C CYS B 195 8.79 23.16 -10.77
N LYS B 196 9.40 24.12 -10.06
CA LYS B 196 8.77 24.76 -8.91
C LYS B 196 7.42 25.35 -9.31
N GLY B 197 6.40 25.07 -8.51
CA GLY B 197 5.07 25.51 -8.85
C GLY B 197 4.29 24.54 -9.70
N ASP B 198 4.91 23.44 -10.14
CA ASP B 198 4.19 22.35 -10.79
C ASP B 198 3.78 21.23 -9.83
N SER B 199 4.08 21.35 -8.53
CA SER B 199 3.92 20.21 -7.61
C SER B 199 2.45 19.94 -7.32
N GLY B 200 2.13 18.67 -7.08
CA GLY B 200 0.75 18.22 -7.01
C GLY B 200 0.11 17.91 -8.34
N GLY B 201 0.68 18.42 -9.44
CA GLY B 201 0.15 18.20 -10.76
C GLY B 201 0.43 16.81 -11.27
N PRO B 202 -0.19 16.49 -12.41
CA PRO B 202 -0.24 15.11 -12.90
C PRO B 202 0.91 14.70 -13.83
N LEU B 203 1.12 13.39 -13.87
CA LEU B 203 2.00 12.73 -14.80
C LEU B 203 1.14 11.74 -15.55
N ILE B 204 0.84 12.05 -16.83
CA ILE B 204 -0.21 11.35 -17.59
C ILE B 204 0.44 10.37 -18.54
N CYS B 205 0.32 9.09 -18.25
CA CYS B 205 0.73 8.05 -19.18
C CYS B 205 -0.50 7.56 -19.91
N ASN B 206 -0.28 6.75 -20.94
CA ASN B 206 -1.36 6.32 -21.82
C ASN B 206 -1.38 4.81 -21.72
N ILE B 207 -2.34 4.29 -20.96
CA ILE B 207 -2.38 2.89 -20.56
C ILE B 207 -3.71 2.33 -21.05
N GLU B 208 -3.64 1.19 -21.76
CA GLU B 208 -4.82 0.58 -22.35
C GLU B 208 -5.61 1.60 -23.17
N GLY B 209 -4.90 2.52 -23.80
CA GLY B 209 -5.47 3.42 -24.75
C GLY B 209 -6.07 4.70 -24.20
N ARG B 210 -6.01 4.92 -22.88
CA ARG B 210 -6.59 6.13 -22.31
C ARG B 210 -5.60 6.85 -21.42
N PRO B 211 -5.66 8.18 -21.39
CA PRO B 211 -4.84 8.95 -20.44
C PRO B 211 -5.11 8.50 -19.01
N THR B 212 -4.02 8.37 -18.26
CA THR B 212 -3.99 7.75 -16.94
C THR B 212 -3.09 8.55 -16.01
N LEU B 213 -3.55 8.71 -14.76
CA LEU B 213 -2.79 9.45 -13.75
C LEU B 213 -1.82 8.48 -13.11
N SER B 214 -0.61 8.43 -13.64
CA SER B 214 0.40 7.51 -13.14
C SER B 214 1.25 8.08 -12.01
N GLY B 215 1.29 9.40 -11.87
CA GLY B 215 2.13 10.02 -10.88
C GLY B 215 1.68 11.42 -10.54
N ILE B 216 2.16 11.89 -9.39
CA ILE B 216 1.93 13.23 -8.85
C ILE B 216 3.29 13.88 -8.64
N VAL B 217 3.45 15.12 -9.11
CA VAL B 217 4.72 15.83 -8.99
C VAL B 217 5.08 16.04 -7.52
N SER B 218 6.24 15.52 -7.11
CA SER B 218 6.63 15.52 -5.70
C SER B 218 7.99 16.18 -5.43
N TRP B 219 9.06 15.74 -6.08
CA TRP B 219 10.34 16.42 -5.87
C TRP B 219 11.29 16.13 -7.03
N GLY B 220 12.41 16.85 -7.01
CA GLY B 220 13.56 16.59 -7.84
C GLY B 220 14.55 17.70 -7.62
N ARG B 221 15.85 17.45 -7.82
CA ARG B 221 16.85 18.50 -7.57
C ARG B 221 16.89 19.45 -8.77
N GLY B 222 16.44 20.69 -8.56
CA GLY B 222 16.32 21.64 -9.66
C GLY B 222 15.28 21.22 -10.72
N CYS B 223 15.51 21.66 -11.96
CA CYS B 223 14.62 21.37 -13.09
C CYS B 223 15.43 21.07 -14.34
N ALA B 224 15.16 19.92 -14.96
CA ALA B 224 15.87 19.51 -16.18
C ALA B 224 17.39 19.46 -15.97
N GLU B 225 17.83 19.04 -14.78
CA GLU B 225 19.25 18.87 -14.52
C GLU B 225 19.67 17.47 -14.95
N LYS B 226 20.85 17.36 -15.57
CA LYS B 226 21.35 16.05 -15.98
C LYS B 226 21.45 15.09 -14.80
N ASN B 227 20.93 13.88 -14.99
CA ASN B 227 20.93 12.80 -14.03
C ASN B 227 20.07 13.10 -12.82
N LYS B 228 19.20 14.10 -12.89
CA LYS B 228 18.29 14.41 -11.80
C LYS B 228 16.87 14.42 -12.32
N PRO B 229 16.28 13.25 -12.54
CA PRO B 229 14.89 13.17 -13.00
C PRO B 229 13.93 13.83 -12.01
N GLY B 230 12.74 14.17 -12.51
CA GLY B 230 11.64 14.47 -11.64
C GLY B 230 11.14 13.21 -10.98
N VAL B 231 10.68 13.34 -9.72
CA VAL B 231 10.19 12.18 -8.96
C VAL B 231 8.72 12.38 -8.64
N TYR B 232 7.94 11.32 -8.84
CA TYR B 232 6.49 11.34 -8.75
C TYR B 232 5.99 10.26 -7.77
N THR B 233 4.99 10.61 -6.98
CA THR B 233 4.24 9.59 -6.23
C THR B 233 3.67 8.57 -7.21
N ARG B 234 3.97 7.30 -7.00
CA ARG B 234 3.50 6.27 -7.92
C ARG B 234 2.08 5.88 -7.55
N VAL B 235 1.12 6.40 -8.34
CA VAL B 235 -0.29 6.37 -7.95
C VAL B 235 -0.79 4.95 -7.82
N SER B 236 -0.45 4.07 -8.78
CA SER B 236 -0.86 2.67 -8.68
C SER B 236 -0.59 2.07 -7.29
N HIS B 237 0.47 2.51 -6.61
CA HIS B 237 0.73 1.96 -5.29
C HIS B 237 -0.33 2.35 -4.27
N PHE B 238 -1.08 3.43 -4.48
CA PHE B 238 -2.05 3.89 -3.50
C PHE B 238 -3.50 3.64 -3.90
N LEU B 239 -3.75 2.65 -4.77
CA LEU B 239 -5.08 2.48 -5.33
C LEU B 239 -6.09 2.09 -4.25
N ASP B 240 -5.76 1.07 -3.46
CA ASP B 240 -6.65 0.65 -2.38
C ASP B 240 -6.89 1.78 -1.39
N TRP B 241 -5.83 2.56 -1.08
CA TRP B 241 -6.02 3.72 -0.21
C TRP B 241 -6.99 4.73 -0.82
N ILE B 242 -6.87 4.98 -2.13
CA ILE B 242 -7.74 5.94 -2.80
C ILE B 242 -9.18 5.42 -2.86
N GLN B 243 -9.35 4.11 -3.16
CA GLN B 243 -10.70 3.56 -3.26
C GLN B 243 -11.40 3.60 -1.91
N SER B 244 -10.65 3.35 -0.84
CA SER B 244 -11.21 3.35 0.50
C SER B 244 -11.67 4.72 0.97
N HIS B 245 -11.30 5.79 0.28
CA HIS B 245 -11.73 7.12 0.68
C HIS B 245 -12.81 7.71 -0.21
N ILE B 246 -12.71 7.52 -1.52
CA ILE B 246 -13.66 8.12 -2.45
C ILE B 246 -14.80 7.18 -2.85
N GLY B 247 -14.60 5.87 -2.72
CA GLY B 247 -15.57 4.89 -3.19
C GLY B 247 -16.97 5.04 -2.63
N ILE C 1 -6.75 -23.81 16.56
CA ILE C 1 -7.91 -23.85 15.69
C ILE C 1 -9.13 -24.44 16.39
N VAL C 2 -10.14 -23.61 16.61
CA VAL C 2 -11.40 -24.06 17.18
C VAL C 2 -12.24 -24.69 16.10
N GLY C 3 -12.81 -25.85 16.38
CA GLY C 3 -13.55 -26.55 15.35
C GLY C 3 -12.60 -27.25 14.38
N GLY C 4 -13.16 -27.67 13.25
CA GLY C 4 -12.37 -28.32 12.21
C GLY C 4 -11.78 -29.66 12.63
N GLU C 5 -10.91 -30.17 11.75
CA GLU C 5 -10.34 -31.51 11.83
C GLU C 5 -8.85 -31.45 12.09
N PHE C 6 -8.29 -32.60 12.45
CA PHE C 6 -6.85 -32.79 12.49
C PHE C 6 -6.36 -33.21 11.11
N THR C 7 -5.08 -32.94 10.84
CA THR C 7 -4.60 -33.09 9.47
C THR C 7 -3.11 -33.32 9.46
N GLU C 8 -2.64 -33.96 8.39
CA GLU C 8 -1.21 -34.00 8.08
C GLU C 8 -0.83 -32.73 7.29
N VAL C 9 0.48 -32.43 7.24
CA VAL C 9 0.93 -31.26 6.49
C VAL C 9 0.63 -31.39 5.01
N GLU C 10 0.42 -32.62 4.52
CA GLU C 10 0.18 -32.82 3.10
C GLU C 10 -1.01 -32.02 2.59
N ASN C 11 -1.95 -31.64 3.44
CA ASN C 11 -3.04 -30.75 3.05
C ASN C 11 -2.74 -29.28 3.31
N GLN C 12 -1.64 -28.95 3.98
CA GLN C 12 -1.18 -27.57 4.08
C GLN C 12 0.33 -27.56 3.90
N PRO C 13 0.82 -28.03 2.75
CA PRO C 13 2.27 -28.25 2.59
C PRO C 13 3.07 -26.97 2.61
N TRP C 14 2.43 -25.82 2.70
CA TRP C 14 3.08 -24.53 2.82
C TRP C 14 3.18 -24.05 4.26
N PHE C 15 2.53 -24.75 5.20
CA PHE C 15 2.57 -24.35 6.60
C PHE C 15 3.98 -24.43 7.15
N ALA C 16 4.43 -23.34 7.75
CA ALA C 16 5.76 -23.24 8.33
C ALA C 16 5.61 -23.03 9.84
N ALA C 17 6.39 -23.76 10.62
CA ALA C 17 6.31 -23.72 12.07
C ALA C 17 7.54 -22.99 12.59
N ILE C 18 7.32 -21.92 13.36
CA ILE C 18 8.39 -20.99 13.70
C ILE C 18 8.62 -21.05 15.21
N TYR C 19 9.86 -21.37 15.61
CA TYR C 19 10.24 -21.59 17.00
C TYR C 19 11.27 -20.57 17.45
N GLN C 20 11.31 -20.36 18.77
CA GLN C 20 12.26 -19.48 19.44
C GLN C 20 13.22 -20.31 20.27
N LYS C 21 14.52 -20.15 20.00
CA LYS C 21 15.54 -20.89 20.73
C LYS C 21 15.63 -20.38 22.16
N ASN C 22 16.13 -21.25 23.03
CA ASN C 22 16.29 -20.91 24.44
C ASN C 22 17.76 -21.07 24.85
N SER C 26 18.69 -27.25 26.00
CA SER C 26 17.30 -26.85 26.25
C SER C 26 16.55 -26.37 25.00
N PRO C 27 15.41 -27.00 24.69
CA PRO C 27 14.91 -27.00 23.30
C PRO C 27 14.04 -25.78 23.00
N PRO C 28 13.77 -25.51 21.72
CA PRO C 28 13.05 -24.28 21.36
C PRO C 28 11.54 -24.41 21.50
N SER C 29 10.90 -23.25 21.65
CA SER C 29 9.49 -23.16 21.98
C SER C 29 8.71 -22.66 20.77
N PHE C 30 7.59 -23.31 20.51
CA PHE C 30 6.76 -22.91 19.39
C PHE C 30 6.20 -21.51 19.64
N LYS C 31 6.35 -20.61 18.68
CA LYS C 31 5.86 -19.24 18.86
C LYS C 31 4.74 -18.88 17.88
N CYS C 32 4.88 -19.19 16.60
CA CYS C 32 3.72 -19.00 15.72
C CYS C 32 3.96 -19.68 14.39
N GLY C 33 2.95 -19.59 13.52
CA GLY C 33 2.97 -20.24 12.23
C GLY C 33 3.38 -19.28 11.14
N GLY C 34 3.50 -19.85 9.94
CA GLY C 34 3.80 -19.07 8.76
C GLY C 34 3.57 -19.86 7.49
N SER C 35 3.93 -19.25 6.37
CA SER C 35 3.63 -19.80 5.06
C SER C 35 4.84 -19.66 4.17
N LEU C 36 5.10 -20.71 3.39
CA LEU C 36 6.16 -20.68 2.39
C LEU C 36 5.62 -20.01 1.13
N ILE C 37 6.14 -18.82 0.79
CA ILE C 37 5.67 -18.13 -0.41
C ILE C 37 6.64 -18.31 -1.58
N SER C 38 7.90 -18.57 -1.31
CA SER C 38 8.90 -19.00 -2.28
C SER C 38 9.88 -19.90 -1.55
N PRO C 39 10.66 -20.70 -2.26
CA PRO C 39 11.46 -21.72 -1.56
C PRO C 39 12.43 -21.17 -0.51
N CYS C 40 12.70 -19.87 -0.52
CA CYS C 40 13.67 -19.28 0.38
C CYS C 40 13.01 -18.28 1.31
N TRP C 41 11.69 -18.14 1.26
CA TRP C 41 11.03 -17.05 1.95
C TRP C 41 9.75 -17.53 2.64
N VAL C 42 9.63 -17.20 3.92
CA VAL C 42 8.44 -17.49 4.71
C VAL C 42 7.79 -16.17 5.13
N ALA C 43 6.48 -16.10 5.03
CA ALA C 43 5.72 -14.96 5.50
C ALA C 43 5.00 -15.33 6.79
N SER C 44 4.99 -14.41 7.74
CA SER C 44 4.40 -14.65 9.04
C SER C 44 3.86 -13.32 9.55
N ALA C 45 3.62 -13.24 10.86
CA ALA C 45 3.22 -11.96 11.42
C ALA C 45 4.39 -11.28 12.12
N ALA C 46 4.37 -9.95 12.06
CA ALA C 46 5.44 -9.17 12.68
C ALA C 46 5.40 -9.24 14.21
N HIS C 47 4.20 -9.33 14.81
CA HIS C 47 4.09 -9.35 16.27
C HIS C 47 4.82 -10.52 16.89
N CYS C 48 5.08 -11.56 16.12
CA CYS C 48 5.83 -12.74 16.55
C CYS C 48 7.31 -12.46 16.73
N PHE C 49 7.80 -11.28 16.38
CA PHE C 49 9.23 -11.04 16.36
C PHE C 49 9.64 -9.73 17.01
N ILE C 50 8.70 -8.81 17.24
CA ILE C 50 9.04 -7.45 17.61
C ILE C 50 9.66 -7.38 19.00
N GLN C 51 9.32 -8.32 19.89
CA GLN C 51 9.83 -8.21 21.25
C GLN C 51 11.31 -8.59 21.32
N LEU C 52 11.77 -9.44 20.42
CA LEU C 52 13.17 -9.84 20.38
C LEU C 52 13.52 -10.06 18.92
N PRO C 53 13.74 -8.95 18.16
CA PRO C 53 13.79 -9.01 16.69
C PRO C 53 15.19 -9.30 16.13
N LYS C 54 15.78 -10.40 16.56
CA LYS C 54 17.10 -10.80 16.12
C LYS C 54 16.98 -12.16 15.44
N LYS C 55 17.48 -12.26 14.20
CA LYS C 55 17.23 -13.44 13.40
C LYS C 55 17.84 -14.70 13.98
N GLU C 56 18.88 -14.57 14.81
CA GLU C 56 19.53 -15.75 15.37
C GLU C 56 18.67 -16.46 16.40
N ASN C 57 17.65 -15.77 16.92
CA ASN C 57 16.82 -16.33 17.97
C ASN C 57 15.84 -17.39 17.48
N TYR C 58 15.78 -17.69 16.19
CA TYR C 58 14.65 -18.44 15.64
C TYR C 58 15.08 -19.61 14.77
N VAL C 59 14.18 -20.60 14.68
CA VAL C 59 14.32 -21.76 13.79
C VAL C 59 12.99 -21.98 13.06
N VAL C 60 13.05 -22.34 11.78
CA VAL C 60 11.86 -22.61 10.99
C VAL C 60 11.86 -24.08 10.58
N TYR C 61 10.73 -24.76 10.78
CA TYR C 61 10.54 -26.13 10.34
C TYR C 61 9.41 -26.19 9.31
N LEU C 62 9.73 -26.73 8.15
CA LEU C 62 8.73 -27.12 7.18
C LEU C 62 8.46 -28.62 7.29
N GLY C 63 7.24 -29.03 6.96
CA GLY C 63 6.90 -30.44 6.85
C GLY C 63 6.41 -31.11 8.12
N GLN C 64 5.95 -30.33 9.11
CA GLN C 64 5.60 -30.84 10.42
C GLN C 64 4.10 -31.02 10.52
N SER C 65 3.64 -32.25 10.74
CA SER C 65 2.27 -32.45 11.20
C SER C 65 2.16 -32.44 12.71
N LYS C 66 3.27 -32.52 13.43
CA LYS C 66 3.26 -32.57 14.90
C LYS C 66 4.28 -31.57 15.44
N GLU C 67 3.82 -30.65 16.29
CA GLU C 67 4.72 -29.68 16.89
C GLU C 67 5.75 -30.36 17.80
N SER C 68 6.98 -29.84 17.78
CA SER C 68 8.00 -30.21 18.77
C SER C 68 8.22 -31.72 18.80
N SER C 69 8.19 -32.35 17.63
CA SER C 69 8.31 -33.81 17.54
C SER C 69 9.02 -34.20 16.25
N TYR C 70 9.21 -35.50 16.13
CA TYR C 70 9.71 -36.10 14.90
C TYR C 70 8.61 -36.07 13.85
N ASN C 71 8.97 -35.61 12.65
CA ASN C 71 8.09 -35.71 11.49
C ASN C 71 8.93 -36.22 10.33
N PRO C 72 8.53 -37.31 9.68
CA PRO C 72 9.27 -37.77 8.49
C PRO C 72 9.17 -36.73 7.41
N GLY C 73 10.32 -36.27 6.90
CA GLY C 73 10.35 -35.33 5.80
C GLY C 73 10.54 -33.89 6.19
N GLU C 74 10.47 -33.58 7.49
CA GLU C 74 10.84 -32.27 8.03
C GLU C 74 12.10 -31.71 7.40
N MET C 75 12.12 -30.39 7.21
CA MET C 75 13.35 -29.66 6.99
C MET C 75 13.46 -28.57 8.05
N LYS C 76 14.65 -28.44 8.64
CA LYS C 76 15.01 -27.39 9.60
C LYS C 76 15.80 -26.28 8.90
N PHE C 77 15.50 -25.02 9.23
CA PHE C 77 16.11 -23.86 8.60
C PHE C 77 16.55 -22.83 9.63
N GLU C 78 17.65 -22.16 9.32
CA GLU C 78 17.99 -20.97 10.08
C GLU C 78 17.45 -19.75 9.34
N VAL C 79 17.30 -18.65 10.07
CA VAL C 79 16.72 -17.45 9.50
C VAL C 79 17.86 -16.53 9.05
N GLU C 80 18.19 -16.60 7.75
CA GLU C 80 19.27 -15.77 7.21
C GLU C 80 18.90 -14.29 7.26
N GLN C 81 17.63 -13.96 7.02
CA GLN C 81 17.18 -12.58 7.08
C GLN C 81 15.80 -12.53 7.69
N LEU C 82 15.58 -11.56 8.58
CA LEU C 82 14.26 -11.34 9.20
C LEU C 82 13.87 -9.89 8.97
N ILE C 83 12.75 -9.68 8.28
CA ILE C 83 12.30 -8.35 7.88
C ILE C 83 10.91 -8.13 8.44
N LEU C 84 10.72 -6.97 9.08
CA LEU C 84 9.45 -6.60 9.70
C LEU C 84 8.94 -5.31 9.07
N HIS C 85 7.64 -5.24 8.82
CA HIS C 85 7.11 -4.07 8.13
C HIS C 85 7.46 -2.80 8.89
N GLU C 86 7.65 -1.70 8.16
CA GLU C 86 8.24 -0.49 8.74
C GLU C 86 7.25 0.25 9.62
N TYR C 87 5.95 0.10 9.37
CA TYR C 87 4.95 0.78 10.17
C TYR C 87 4.11 -0.24 10.96
N TYR C 88 4.77 -1.25 11.52
CA TYR C 88 4.11 -2.13 12.47
C TYR C 88 3.99 -1.45 13.83
N ARG C 89 2.81 -1.57 14.44
CA ARG C 89 2.62 -1.14 15.83
C ARG C 89 1.41 -1.85 16.42
N GLU C 90 1.38 -1.91 17.76
CA GLU C 90 0.22 -2.40 18.47
C GLU C 90 -0.49 -1.22 19.13
N ASP C 91 -1.77 -1.41 19.43
CA ASP C 91 -2.47 -0.43 20.25
C ASP C 91 -3.19 -1.12 21.41
N SER C 92 -4.39 -0.61 21.75
CA SER C 92 -5.18 -1.22 22.81
C SER C 92 -5.77 -2.56 22.38
N LEU C 93 -6.42 -2.59 21.22
CA LEU C 93 -7.15 -3.76 20.76
C LEU C 93 -6.34 -4.69 19.87
N ALA C 94 -5.68 -4.16 18.85
CA ALA C 94 -5.28 -4.97 17.71
C ALA C 94 -3.86 -4.60 17.27
N TYR C 95 -3.45 -5.21 16.15
CA TYR C 95 -2.14 -4.97 15.54
C TYR C 95 -2.30 -4.23 14.21
N HIS C 96 -1.31 -3.41 13.87
CA HIS C 96 -1.28 -2.73 12.57
C HIS C 96 -0.07 -3.19 11.78
N ASN C 97 -0.26 -3.33 10.47
CA ASN C 97 0.80 -3.70 9.52
C ASN C 97 1.52 -4.96 9.98
N ASP C 98 0.74 -6.01 10.19
CA ASP C 98 1.19 -7.20 10.91
C ASP C 98 1.72 -8.22 9.92
N ILE C 99 2.99 -8.10 9.56
CA ILE C 99 3.59 -8.92 8.51
C ILE C 99 5.10 -8.87 8.63
N ALA C 100 5.74 -10.03 8.49
CA ALA C 100 7.18 -10.13 8.46
C ALA C 100 7.59 -11.11 7.36
N LEU C 101 8.84 -11.00 6.92
CA LEU C 101 9.42 -11.92 5.96
C LEU C 101 10.65 -12.56 6.57
N LEU C 102 10.74 -13.87 6.46
CA LEU C 102 11.91 -14.62 6.90
C LEU C 102 12.56 -15.27 5.69
N LYS C 103 13.84 -15.02 5.50
CA LYS C 103 14.60 -15.69 4.46
C LYS C 103 15.35 -16.84 5.13
N ILE C 104 15.13 -18.05 4.62
CA ILE C 104 15.52 -19.27 5.31
C ILE C 104 16.60 -20.00 4.52
N ARG C 105 17.58 -20.56 5.23
CA ARG C 105 18.50 -21.49 4.61
C ARG C 105 18.85 -22.59 5.61
N THR C 106 19.17 -23.76 5.08
CA THR C 106 19.67 -24.84 5.91
C THR C 106 21.15 -24.67 6.19
N SER C 107 21.62 -25.39 7.21
CA SER C 107 23.02 -25.40 7.60
C SER C 107 23.96 -25.55 6.42
N THR C 108 23.53 -26.29 5.39
CA THR C 108 24.30 -26.49 4.17
C THR C 108 23.94 -25.49 3.08
N GLY C 109 23.24 -24.40 3.42
CA GLY C 109 22.95 -23.31 2.51
C GLY C 109 21.78 -23.49 1.57
N GLN C 110 21.04 -24.60 1.66
CA GLN C 110 19.94 -24.84 0.74
C GLN C 110 18.67 -24.14 1.20
N CYS C 111 17.75 -23.99 0.26
CA CYS C 111 16.39 -23.52 0.49
C CYS C 111 15.45 -24.71 0.52
N ALA C 112 14.16 -24.45 0.68
CA ALA C 112 13.18 -25.52 0.76
C ALA C 112 13.24 -26.38 -0.48
N GLN C 113 13.07 -27.69 -0.29
CA GLN C 113 13.03 -28.65 -1.37
C GLN C 113 11.64 -29.27 -1.43
N PRO C 114 10.88 -29.09 -2.50
CA PRO C 114 9.49 -29.53 -2.51
C PRO C 114 9.33 -31.03 -2.34
N SER C 115 8.18 -31.42 -1.81
CA SER C 115 7.92 -32.80 -1.41
C SER C 115 6.42 -32.94 -1.23
N ARG C 116 5.98 -34.16 -0.91
CA ARG C 116 4.57 -34.37 -0.59
C ARG C 116 4.12 -33.52 0.59
N SER C 117 5.07 -33.05 1.41
CA SER C 117 4.77 -32.29 2.61
C SER C 117 5.38 -30.91 2.65
N ILE C 118 6.01 -30.44 1.57
CA ILE C 118 6.62 -29.11 1.52
C ILE C 118 6.36 -28.51 0.13
N GLN C 119 5.62 -27.39 0.09
CA GLN C 119 5.18 -26.78 -1.17
C GLN C 119 4.99 -25.29 -0.96
N THR C 120 5.19 -24.51 -2.02
CA THR C 120 4.95 -23.09 -1.87
C THR C 120 3.46 -22.80 -2.02
N ILE C 121 3.04 -21.66 -1.47
CA ILE C 121 1.69 -21.15 -1.67
C ILE C 121 1.81 -19.91 -2.57
N ALA C 122 0.79 -19.69 -3.39
CA ALA C 122 0.83 -18.61 -4.36
C ALA C 122 0.40 -17.29 -3.72
N LEU C 123 1.17 -16.24 -3.99
CA LEU C 123 0.74 -14.88 -3.68
C LEU C 123 -0.43 -14.47 -4.59
N PRO C 124 -1.31 -13.59 -4.12
CA PRO C 124 -2.34 -13.04 -5.00
C PRO C 124 -1.73 -11.97 -5.89
N PRO C 125 -2.43 -11.55 -6.94
CA PRO C 125 -1.99 -10.34 -7.67
C PRO C 125 -2.35 -9.08 -6.91
N ARG C 126 -1.66 -7.98 -7.27
CA ARG C 126 -1.80 -6.67 -6.62
C ARG C 126 -3.25 -6.31 -6.34
N PHE C 127 -3.50 -5.92 -5.09
CA PHE C 127 -4.83 -5.46 -4.64
C PHE C 127 -5.96 -6.36 -5.16
N THR C 128 -5.79 -7.68 -5.03
CA THR C 128 -6.78 -8.64 -5.51
C THR C 128 -7.18 -9.59 -4.39
N ASP C 129 -8.49 -9.75 -4.19
CA ASP C 129 -9.05 -10.59 -3.17
C ASP C 129 -10.16 -11.46 -3.76
N ALA C 130 -10.47 -12.54 -3.06
CA ALA C 130 -11.63 -13.36 -3.37
C ALA C 130 -12.91 -12.63 -3.00
N PRO C 131 -14.03 -12.95 -3.67
CA PRO C 131 -15.29 -12.25 -3.38
C PRO C 131 -15.68 -12.39 -1.91
N PHE C 132 -16.14 -11.28 -1.32
CA PHE C 132 -16.52 -11.22 0.09
C PHE C 132 -17.67 -12.17 0.37
N GLY C 133 -17.34 -13.41 0.74
CA GLY C 133 -18.30 -14.46 0.99
C GLY C 133 -17.69 -15.83 0.73
N SER C 134 -16.52 -15.82 0.10
CA SER C 134 -15.86 -17.04 -0.34
C SER C 134 -15.36 -17.84 0.86
N ASP C 135 -15.03 -19.12 0.59
CA ASP C 135 -14.56 -20.06 1.60
C ASP C 135 -13.02 -20.07 1.62
N CYS C 136 -12.44 -19.80 2.77
CA CYS C 136 -10.99 -19.87 2.90
C CYS C 136 -10.62 -20.84 4.02
N GLU C 137 -9.42 -21.43 3.89
CA GLU C 137 -8.94 -22.41 4.85
C GLU C 137 -8.10 -21.75 5.93
N ILE C 138 -8.03 -22.38 7.11
CA ILE C 138 -7.08 -21.97 8.14
C ILE C 138 -6.32 -23.19 8.64
N THR C 139 -5.16 -22.95 9.25
CA THR C 139 -4.29 -24.00 9.79
C THR C 139 -3.57 -23.50 11.02
N GLY C 140 -3.21 -24.41 11.91
CA GLY C 140 -2.28 -24.07 12.96
C GLY C 140 -2.20 -25.10 14.07
N PHE C 141 -1.33 -24.77 15.03
CA PHE C 141 -1.13 -25.51 16.27
C PHE C 141 -1.81 -24.83 17.45
N GLY C 142 -2.76 -23.92 17.20
CA GLY C 142 -3.34 -23.12 18.25
C GLY C 142 -4.49 -23.81 18.97
N LYS C 143 -4.95 -23.15 20.04
CA LYS C 143 -5.93 -23.70 20.96
C LYS C 143 -7.19 -24.18 20.24
N GLU C 144 -7.81 -25.22 20.77
CA GLU C 144 -9.05 -25.75 20.19
C GLU C 144 -10.30 -25.19 20.84
N SER C 145 -10.16 -24.36 21.87
CA SER C 145 -11.22 -23.51 22.37
C SER C 145 -10.56 -22.33 23.08
N GLU C 146 -11.28 -21.20 23.16
CA GLU C 146 -10.68 -19.98 23.71
C GLU C 146 -10.23 -20.21 25.15
N SER C 147 -11.01 -20.95 25.93
CA SER C 147 -10.77 -21.10 27.36
C SER C 147 -9.74 -22.18 27.69
N ASP C 148 -9.43 -23.07 26.75
CA ASP C 148 -8.43 -24.09 26.96
C ASP C 148 -7.15 -23.48 27.51
N TYR C 149 -6.49 -24.22 28.38
CA TYR C 149 -5.18 -23.81 28.89
C TYR C 149 -4.06 -24.43 28.09
N LEU C 150 -4.31 -25.60 27.51
CA LEU C 150 -3.31 -26.40 26.83
C LEU C 150 -3.43 -26.26 25.32
N TYR C 151 -2.39 -26.71 24.61
CA TYR C 151 -2.30 -26.53 23.16
C TYR C 151 -2.16 -27.90 22.48
N PRO C 152 -2.75 -28.06 21.29
CA PRO C 152 -3.07 -29.42 20.78
C PRO C 152 -1.92 -30.26 20.24
N LYS C 153 -0.74 -29.70 19.96
CA LYS C 153 0.43 -30.49 19.50
C LYS C 153 0.33 -31.10 18.10
N ASN C 154 -0.86 -31.54 17.66
CA ASN C 154 -1.05 -32.02 16.29
C ASN C 154 -1.72 -30.93 15.45
N LEU C 155 -1.36 -30.88 14.17
CA LEU C 155 -1.85 -29.82 13.28
C LEU C 155 -3.34 -29.97 12.99
N LYS C 156 -4.08 -28.88 13.15
CA LYS C 156 -5.48 -28.78 12.80
C LYS C 156 -5.66 -27.89 11.58
N MET C 157 -6.81 -28.04 10.92
CA MET C 157 -7.19 -27.16 9.83
C MET C 157 -8.70 -27.00 9.83
N SER C 158 -9.17 -25.95 9.16
CA SER C 158 -10.61 -25.67 9.11
C SER C 158 -10.92 -24.76 7.93
N VAL C 159 -12.20 -24.57 7.69
CA VAL C 159 -12.72 -23.73 6.62
C VAL C 159 -13.58 -22.64 7.25
N VAL C 160 -13.51 -21.42 6.69
CA VAL C 160 -14.29 -20.27 7.14
C VAL C 160 -14.69 -19.44 5.93
N LYS C 161 -15.70 -18.60 6.11
CA LYS C 161 -16.21 -17.72 5.08
C LYS C 161 -15.70 -16.31 5.31
N LEU C 162 -15.44 -15.59 4.21
CA LEU C 162 -14.96 -14.21 4.30
C LEU C 162 -16.13 -13.25 4.46
N VAL C 163 -16.03 -12.35 5.44
CA VAL C 163 -17.08 -11.37 5.68
C VAL C 163 -16.68 -10.02 5.08
N SER C 164 -17.69 -9.21 4.76
CA SER C 164 -17.48 -7.94 4.06
C SER C 164 -16.90 -6.89 5.00
N HIS C 165 -16.13 -5.96 4.43
CA HIS C 165 -15.49 -4.95 5.28
C HIS C 165 -16.51 -3.98 5.86
N GLU C 166 -17.59 -3.70 5.11
CA GLU C 166 -18.69 -2.93 5.69
C GLU C 166 -19.21 -3.61 6.97
N GLN C 167 -19.46 -4.92 6.88
CA GLN C 167 -20.02 -5.64 8.02
C GLN C 167 -19.03 -5.72 9.18
N CYS C 168 -17.78 -6.11 8.91
CA CYS C 168 -16.82 -6.32 9.99
C CYS C 168 -16.57 -5.05 10.78
N MET C 169 -16.76 -3.87 10.20
CA MET C 169 -16.52 -2.63 10.90
C MET C 169 -17.79 -1.98 11.44
N GLN C 170 -18.92 -2.67 11.35
CA GLN C 170 -20.09 -2.25 12.10
C GLN C 170 -19.76 -2.25 13.59
N PRO C 171 -20.46 -1.44 14.38
CA PRO C 171 -19.99 -1.17 15.76
C PRO C 171 -19.91 -2.39 16.66
N HIS C 172 -21.01 -3.15 16.78
CA HIS C 172 -20.98 -4.29 17.69
C HIS C 172 -20.23 -5.49 17.12
N TYR C 173 -19.54 -5.31 15.99
CA TYR C 173 -18.44 -6.18 15.59
C TYR C 173 -17.13 -5.56 16.08
N TYR C 174 -16.33 -5.04 15.15
CA TYR C 174 -15.04 -4.45 15.50
C TYR C 174 -15.00 -2.94 15.28
N GLY C 175 -15.97 -2.37 14.59
CA GLY C 175 -16.10 -0.92 14.59
C GLY C 175 -14.99 -0.27 13.78
N SER C 176 -14.39 0.77 14.36
CA SER C 176 -13.41 1.56 13.64
C SER C 176 -12.00 0.99 13.70
N GLU C 177 -11.82 -0.15 14.37
CA GLU C 177 -10.48 -0.71 14.49
C GLU C 177 -10.05 -1.39 13.19
N ILE C 178 -11.01 -1.84 12.41
CA ILE C 178 -10.75 -2.50 11.14
C ILE C 178 -10.62 -1.47 10.04
N ASN C 179 -9.70 -1.69 9.09
CA ASN C 179 -9.51 -0.76 8.00
C ASN C 179 -9.31 -1.54 6.70
N TYR C 180 -8.83 -0.84 5.67
CA TYR C 180 -8.78 -1.39 4.32
C TYR C 180 -7.67 -2.43 4.18
N LYS C 181 -6.65 -2.37 5.02
CA LYS C 181 -5.51 -3.29 4.95
C LYS C 181 -5.67 -4.55 5.80
N MET C 182 -6.86 -4.79 6.36
CA MET C 182 -7.13 -6.05 7.03
C MET C 182 -8.37 -6.71 6.45
N LEU C 183 -8.40 -8.02 6.57
CA LEU C 183 -9.39 -8.91 6.00
C LEU C 183 -10.03 -9.71 7.15
N CYS C 184 -11.30 -10.09 6.98
CA CYS C 184 -12.11 -10.66 8.06
C CYS C 184 -12.72 -11.97 7.60
N ALA C 185 -12.44 -13.04 8.34
CA ALA C 185 -13.09 -14.32 8.11
C ALA C 185 -13.76 -14.78 9.39
N ALA C 186 -14.79 -15.59 9.23
CA ALA C 186 -15.56 -16.11 10.35
C ALA C 186 -16.42 -17.25 9.83
N ASP C 187 -16.94 -18.04 10.75
CA ASP C 187 -17.95 -19.04 10.43
C ASP C 187 -19.34 -18.44 10.65
N PRO C 188 -20.26 -18.72 9.71
CA PRO C 188 -21.67 -18.37 9.93
C PRO C 188 -22.19 -18.67 11.34
N GLU C 189 -22.22 -19.94 11.74
CA GLU C 189 -22.74 -20.28 13.06
C GLU C 189 -21.72 -20.09 14.18
N TRP C 190 -20.61 -19.42 13.90
CA TRP C 190 -19.60 -19.08 14.90
C TRP C 190 -19.01 -20.32 15.56
N LYS C 191 -18.87 -21.40 14.79
CA LYS C 191 -18.46 -22.70 15.30
C LYS C 191 -17.03 -23.07 14.94
N THR C 192 -16.28 -22.19 14.30
CA THR C 192 -14.90 -22.48 13.92
C THR C 192 -14.18 -21.16 13.64
N ASP C 193 -12.89 -21.11 14.00
CA ASP C 193 -12.11 -19.87 14.02
C ASP C 193 -10.67 -20.23 14.33
N SER C 194 -9.78 -19.27 14.07
CA SER C 194 -8.43 -19.44 14.58
C SER C 194 -8.36 -18.95 16.02
N CYS C 195 -7.24 -19.20 16.67
CA CYS C 195 -7.14 -18.98 18.10
C CYS C 195 -5.72 -18.58 18.45
N LYS C 196 -5.47 -18.40 19.74
CA LYS C 196 -4.13 -18.15 20.23
C LYS C 196 -3.22 -19.29 19.82
N GLY C 197 -2.01 -18.95 19.38
CA GLY C 197 -1.08 -19.93 18.84
C GLY C 197 -1.20 -20.18 17.35
N ASP C 198 -2.30 -19.77 16.73
CA ASP C 198 -2.46 -19.84 15.28
C ASP C 198 -1.88 -18.62 14.59
N SER C 199 -1.58 -17.58 15.34
CA SER C 199 -1.18 -16.31 14.77
C SER C 199 0.06 -16.50 13.91
N GLY C 200 0.14 -15.75 12.82
CA GLY C 200 1.19 -15.92 11.83
C GLY C 200 0.86 -16.90 10.72
N GLY C 201 -0.15 -17.75 10.91
CA GLY C 201 -0.52 -18.76 9.95
C GLY C 201 -1.32 -18.21 8.79
N PRO C 202 -1.51 -19.04 7.78
CA PRO C 202 -2.12 -18.60 6.54
C PRO C 202 -3.63 -18.59 6.58
N LEU C 203 -4.22 -17.68 5.80
CA LEU C 203 -5.61 -17.77 5.36
C LEU C 203 -5.57 -18.03 3.86
N ILE C 204 -6.05 -19.21 3.45
CA ILE C 204 -5.88 -19.69 2.08
C ILE C 204 -7.21 -19.56 1.35
N CYS C 205 -7.26 -18.70 0.33
CA CYS C 205 -8.44 -18.56 -0.51
C CYS C 205 -8.09 -18.96 -1.94
N ASN C 206 -9.10 -19.43 -2.66
CA ASN C 206 -8.92 -19.78 -4.07
C ASN C 206 -9.13 -18.53 -4.91
N ILE C 207 -8.09 -18.16 -5.67
CA ILE C 207 -8.07 -16.92 -6.47
C ILE C 207 -7.45 -17.30 -7.80
N GLU C 208 -8.20 -17.09 -8.90
CA GLU C 208 -7.79 -17.55 -10.21
C GLU C 208 -7.55 -19.06 -10.22
N GLY C 209 -8.35 -19.80 -9.45
CA GLY C 209 -8.22 -21.24 -9.35
C GLY C 209 -6.98 -21.75 -8.64
N ARG C 210 -6.14 -20.89 -8.11
CA ARG C 210 -4.95 -21.36 -7.38
C ARG C 210 -5.15 -21.15 -5.88
N PRO C 211 -4.64 -22.05 -5.05
CA PRO C 211 -4.58 -21.76 -3.61
C PRO C 211 -3.68 -20.56 -3.37
N THR C 212 -4.16 -19.62 -2.57
CA THR C 212 -3.52 -18.31 -2.48
C THR C 212 -3.41 -17.82 -1.06
N LEU C 213 -2.24 -17.28 -0.71
CA LEU C 213 -2.10 -16.68 0.60
C LEU C 213 -2.85 -15.35 0.62
N SER C 214 -4.13 -15.40 0.99
CA SER C 214 -4.90 -14.16 1.13
C SER C 214 -4.68 -13.45 2.46
N GLY C 215 -4.27 -14.15 3.53
CA GLY C 215 -4.20 -13.51 4.84
C GLY C 215 -3.23 -14.17 5.78
N ILE C 216 -2.93 -13.43 6.86
CA ILE C 216 -2.05 -13.88 7.93
C ILE C 216 -2.76 -13.62 9.25
N VAL C 217 -2.94 -14.66 10.06
CA VAL C 217 -3.70 -14.54 11.31
C VAL C 217 -3.08 -13.47 12.21
N SER C 218 -3.86 -12.42 12.52
CA SER C 218 -3.38 -11.26 13.27
C SER C 218 -4.03 -11.12 14.65
N TRP C 219 -5.36 -10.98 14.72
CA TRP C 219 -6.03 -10.73 15.99
C TRP C 219 -7.49 -11.16 15.90
N GLY C 220 -8.17 -11.11 17.03
CA GLY C 220 -9.59 -11.39 17.11
C GLY C 220 -10.07 -11.51 18.54
N ARG C 221 -11.27 -11.02 18.85
CA ARG C 221 -11.78 -11.09 20.21
C ARG C 221 -12.09 -12.55 20.54
N GLY C 222 -11.28 -13.15 21.42
CA GLY C 222 -11.46 -14.55 21.74
C GLY C 222 -11.32 -15.43 20.51
N CYS C 223 -12.15 -16.47 20.45
CA CYS C 223 -12.12 -17.45 19.37
C CYS C 223 -13.54 -17.91 19.14
N ALA C 224 -14.08 -17.67 17.94
CA ALA C 224 -15.40 -18.12 17.50
C ALA C 224 -16.55 -17.45 18.23
N GLU C 225 -16.30 -16.41 19.03
CA GLU C 225 -17.36 -15.62 19.62
C GLU C 225 -18.24 -15.02 18.53
N LYS C 226 -19.48 -14.70 18.89
CA LYS C 226 -20.42 -14.19 17.90
C LYS C 226 -20.18 -12.70 17.72
N ASN C 227 -20.15 -12.27 16.45
CA ASN C 227 -19.84 -10.91 16.03
C ASN C 227 -18.37 -10.54 16.26
N LYS C 228 -17.49 -11.52 16.43
CA LYS C 228 -16.06 -11.27 16.57
C LYS C 228 -15.28 -12.17 15.62
N PRO C 229 -15.28 -11.84 14.32
CA PRO C 229 -14.55 -12.64 13.33
C PRO C 229 -13.04 -12.60 13.58
N GLY C 230 -12.34 -13.46 12.85
CA GLY C 230 -10.89 -13.41 12.85
C GLY C 230 -10.41 -12.33 11.90
N VAL C 231 -9.43 -11.56 12.36
CA VAL C 231 -8.85 -10.49 11.57
C VAL C 231 -7.48 -10.93 11.08
N TYR C 232 -7.27 -10.82 9.77
CA TYR C 232 -6.08 -11.26 9.06
C TYR C 232 -5.49 -10.07 8.31
N THR C 233 -4.17 -9.95 8.33
CA THR C 233 -3.50 -8.99 7.45
C THR C 233 -3.87 -9.28 6.00
N ARG C 234 -4.36 -8.27 5.29
CA ARG C 234 -4.71 -8.49 3.89
C ARG C 234 -3.44 -8.50 3.05
N VAL C 235 -3.09 -9.68 2.55
CA VAL C 235 -1.80 -9.83 1.88
C VAL C 235 -1.82 -9.06 0.57
N SER C 236 -3.00 -8.93 -0.06
CA SER C 236 -3.08 -8.28 -1.36
C SER C 236 -2.68 -6.82 -1.30
N HIS C 237 -2.72 -6.20 -0.12
CA HIS C 237 -2.18 -4.86 0.03
C HIS C 237 -0.66 -4.84 0.02
N PHE C 238 0.00 -5.88 0.55
CA PHE C 238 1.43 -5.79 0.82
C PHE C 238 2.29 -6.31 -0.32
N LEU C 239 1.69 -6.49 -1.50
CA LEU C 239 2.40 -7.11 -2.63
C LEU C 239 3.61 -6.29 -3.08
N ASP C 240 3.47 -4.98 -3.28
CA ASP C 240 4.66 -4.17 -3.61
C ASP C 240 5.73 -4.38 -2.55
N TRP C 241 5.33 -4.31 -1.28
CA TRP C 241 6.30 -4.47 -0.20
C TRP C 241 6.98 -5.82 -0.28
N ILE C 242 6.21 -6.89 -0.48
CA ILE C 242 6.80 -8.21 -0.57
C ILE C 242 7.76 -8.27 -1.75
N GLN C 243 7.32 -7.81 -2.93
CA GLN C 243 8.17 -7.85 -4.12
C GLN C 243 9.45 -7.04 -3.93
N SER C 244 9.36 -5.87 -3.31
CA SER C 244 10.55 -5.06 -3.09
C SER C 244 11.61 -5.80 -2.29
N HIS C 245 11.24 -6.87 -1.57
CA HIS C 245 12.17 -7.62 -0.72
C HIS C 245 12.56 -8.98 -1.29
N ILE C 246 11.62 -9.74 -1.84
CA ILE C 246 11.94 -11.06 -2.35
C ILE C 246 12.19 -11.09 -3.87
N GLY C 247 11.72 -10.08 -4.61
CA GLY C 247 11.65 -10.15 -6.06
C GLY C 247 12.69 -9.29 -6.71
C ACE D 1 2.23 -6.35 23.43
O ACE D 1 2.52 -7.25 22.64
CH3 ACE D 1 3.10 -5.15 23.63
N CYS D 2 1.12 -6.37 24.15
CA CYS D 2 0.12 -7.44 24.12
C CYS D 2 -1.30 -6.89 24.06
N PRO D 3 -1.77 -6.50 22.88
CA PRO D 3 -3.12 -5.94 22.76
C PRO D 3 -4.19 -6.96 23.17
N ALA D 4 -5.42 -6.46 23.26
CA ALA D 4 -6.48 -7.21 23.93
C ALA D 4 -6.97 -8.39 23.09
N TYR D 5 -7.16 -8.19 21.79
CA TYR D 5 -7.62 -9.26 20.92
C TYR D 5 -6.48 -10.03 20.26
N SER D 6 -5.29 -10.01 20.87
CA SER D 6 -4.18 -10.78 20.36
C SER D 6 -4.48 -12.26 20.35
N ARG D 7 -3.93 -12.96 19.35
CA ARG D 7 -3.92 -14.42 19.29
C ARG D 7 -2.49 -14.92 19.28
N TYR D 8 -1.59 -14.14 19.88
CA TYR D 8 -0.20 -14.53 20.02
C TYR D 8 -0.05 -15.50 21.19
N ILE D 9 0.76 -16.53 21.00
CA ILE D 9 0.98 -17.51 22.06
C ILE D 9 1.64 -16.85 23.25
N GLY D 10 2.45 -15.81 23.03
CA GLY D 10 3.12 -15.13 24.11
C GLY D 10 2.30 -14.06 24.81
N CYS D 11 1.01 -13.94 24.49
CA CYS D 11 0.13 -12.95 25.09
C CYS D 11 -0.97 -13.54 25.99
N NH2 D 12 -1.27 -12.85 27.08
P PO4 E . 23.30 18.47 -3.33
O1 PO4 E . 22.32 17.88 -4.31
O2 PO4 E . 23.93 19.72 -3.93
O3 PO4 E . 24.38 17.46 -3.05
O4 PO4 E . 22.61 18.83 -2.03
P PO4 F . 3.52 -0.11 2.17
O1 PO4 F . 4.02 -0.77 0.92
O2 PO4 F . 2.61 1.08 1.88
O3 PO4 F . 4.74 0.30 2.96
O4 PO4 F . 2.68 -1.09 2.96
P PO4 G . -5.51 7.78 6.00
O1 PO4 G . -5.62 9.28 6.07
O2 PO4 G . -6.59 7.20 5.11
O3 PO4 G . -4.13 7.42 5.47
O4 PO4 G . -5.72 7.18 7.37
P PO4 H . 8.47 5.02 2.91
O1 PO4 H . 8.59 5.78 1.60
O2 PO4 H . 8.68 3.56 2.60
O3 PO4 H . 7.09 5.18 3.46
O4 PO4 H . 9.55 5.53 3.84
P PO4 I . -2.81 1.86 9.60
O1 PO4 I . -2.87 2.31 8.16
O2 PO4 I . -3.68 2.77 10.44
O3 PO4 I . -1.38 1.94 10.07
O4 PO4 I . -3.28 0.43 9.69
#